data_2ANQ
#
_entry.id   2ANQ
#
_cell.length_a   34.000
_cell.length_b   44.720
_cell.length_c   98.050
_cell.angle_alpha   90.00
_cell.angle_beta   90.00
_cell.angle_gamma   90.00
#
_symmetry.space_group_name_H-M   'P 21 21 21'
#
loop_
_entity.id
_entity.type
_entity.pdbx_description
1 polymer 'Dihydrofolate reductase'
2 non-polymer 'MANGANESE (II) ION'
3 non-polymer 'NADPH DIHYDRO-NICOTINAMIDE-ADENINE-DINUCLEOTIDE PHOSPHATE'
4 non-polymer '(2,5-dimethylbenzene-1,4-diyl)dimethanediyl bis(N-carbamimidoylcarbamimidothioate)'
5 water water
#
_entity_poly.entity_id   1
_entity_poly.type   'polypeptide(L)'
_entity_poly.pdbx_seq_one_letter_code
;MISLIAALAVDRVIGMENAMPWNLPADLAWFKRNTLDKPVIMGRHTWESIGRPLPGRKNIILSSQPGTDDRVTWVKSVDE
AIAACGDVPEIMVIGGGRVYEQFLPKAQKLYLTHIDAEVEGDTHFPDYEPDDWESVFSEFHDADAQNSHSYCFEILERR
;
_entity_poly.pdbx_strand_id   A
#
# COMPACT_ATOMS: atom_id res chain seq x y z
N MET A 1 9.15 2.02 -12.82
CA MET A 1 8.49 2.99 -11.97
C MET A 1 8.04 2.36 -10.66
N ILE A 2 8.18 3.11 -9.57
CA ILE A 2 7.76 2.67 -8.23
C ILE A 2 6.50 3.38 -7.81
N SER A 3 5.52 2.61 -7.35
CA SER A 3 4.27 3.18 -6.89
C SER A 3 3.99 2.75 -5.47
N LEU A 4 3.24 3.59 -4.76
CA LEU A 4 2.81 3.32 -3.41
C LEU A 4 1.33 3.14 -3.51
N ILE A 5 0.78 2.10 -2.86
CA ILE A 5 -0.66 1.97 -2.79
C ILE A 5 -1.10 1.75 -1.34
N ALA A 6 -2.11 2.56 -1.00
CA ALA A 6 -2.66 2.52 0.35
C ALA A 6 -4.06 3.08 0.52
N ALA A 7 -4.62 2.68 1.65
CA ALA A 7 -5.92 3.11 2.07
C ALA A 7 -5.75 3.90 3.38
N LEU A 8 -6.13 5.18 3.31
CA LEU A 8 -6.02 6.14 4.42
C LEU A 8 -7.39 6.54 4.98
N ALA A 9 -7.53 6.45 6.29
CA ALA A 9 -8.71 6.90 6.98
C ALA A 9 -8.42 8.34 7.41
N VAL A 10 -9.25 8.90 8.28
CA VAL A 10 -9.01 10.27 8.73
C VAL A 10 -7.65 10.41 9.39
N ASP A 11 -6.97 11.52 9.13
CA ASP A 11 -5.63 11.79 9.66
C ASP A 11 -4.56 10.82 9.11
N ARG A 12 -4.84 10.21 7.95
CA ARG A 12 -3.92 9.31 7.29
C ARG A 12 -3.74 8.03 8.08
N VAL A 13 -4.63 7.77 9.03
CA VAL A 13 -4.50 6.48 9.73
C VAL A 13 -4.64 5.35 8.66
N ILE A 14 -3.69 4.38 8.59
CA ILE A 14 -3.68 3.25 7.65
C ILE A 14 -3.77 1.87 8.35
N GLY A 15 -3.57 1.87 9.66
CA GLY A 15 -3.64 0.63 10.42
C GLY A 15 -3.63 0.81 11.93
N MET A 16 -4.13 -0.21 12.61
CA MET A 16 -4.18 -0.24 14.06
C MET A 16 -3.99 -1.69 14.42
N GLU A 17 -3.08 -1.99 15.36
CA GLU A 17 -2.89 -3.37 15.74
C GLU A 17 -2.82 -4.25 14.49
N ASN A 18 -1.73 -4.05 13.74
CA ASN A 18 -1.47 -4.77 12.52
C ASN A 18 -2.72 -4.95 11.64
N ALA A 19 -3.74 -4.10 11.70
CA ALA A 19 -4.90 -4.33 10.87
C ALA A 19 -5.53 -3.06 10.32
N MET A 20 -6.35 -3.20 9.28
CA MET A 20 -7.12 -2.10 8.69
C MET A 20 -8.50 -2.05 9.39
N PRO A 21 -8.65 -1.10 10.34
CA PRO A 21 -9.81 -0.97 11.24
C PRO A 21 -11.09 -0.64 10.47
N TRP A 22 -11.34 -1.21 9.30
CA TRP A 22 -12.55 -0.94 8.52
C TRP A 22 -12.91 -2.10 7.61
N ASN A 23 -14.11 -2.03 7.05
CA ASN A 23 -14.60 -3.06 6.15
C ASN A 23 -15.03 -2.44 4.82
N LEU A 24 -14.15 -2.48 3.82
N LEU A 24 -14.15 -2.48 3.82
CA LEU A 24 -14.48 -1.94 2.50
CA LEU A 24 -14.48 -1.94 2.50
C LEU A 24 -14.18 -2.90 1.37
C LEU A 24 -14.18 -2.90 1.37
N PRO A 25 -15.19 -3.69 0.97
CA PRO A 25 -14.85 -4.71 -0.12
C PRO A 25 -14.34 -3.98 -1.36
N ALA A 26 -14.98 -2.85 -1.67
CA ALA A 26 -14.61 -2.07 -2.84
C ALA A 26 -13.13 -1.65 -2.88
N ASP A 27 -12.51 -1.44 -1.72
CA ASP A 27 -11.10 -1.06 -1.68
C ASP A 27 -10.23 -2.29 -1.96
N LEU A 28 -10.60 -3.43 -1.41
CA LEU A 28 -9.82 -4.63 -1.68
C LEU A 28 -9.88 -4.94 -3.17
N ALA A 29 -11.04 -4.75 -3.81
CA ALA A 29 -11.15 -4.98 -5.24
C ALA A 29 -10.20 -4.03 -5.98
N TRP A 30 -10.27 -2.73 -5.68
CA TRP A 30 -9.39 -1.75 -6.29
C TRP A 30 -7.92 -2.15 -6.13
N PHE A 31 -7.59 -2.69 -4.96
CA PHE A 31 -6.22 -3.12 -4.66
C PHE A 31 -5.76 -4.27 -5.57
N LYS A 32 -6.61 -5.28 -5.66
CA LYS A 32 -6.30 -6.46 -6.47
C LYS A 32 -6.18 -6.05 -7.93
N ARG A 33 -7.04 -5.13 -8.34
CA ARG A 33 -7.03 -4.64 -9.70
C ARG A 33 -5.73 -3.93 -10.06
N ASN A 34 -5.25 -3.08 -9.17
CA ASN A 34 -4.05 -2.31 -9.48
C ASN A 34 -2.74 -2.95 -9.05
N THR A 35 -2.77 -4.19 -8.56
CA THR A 35 -1.54 -4.87 -8.16
C THR A 35 -1.32 -6.19 -8.87
N LEU A 36 -2.40 -6.81 -9.30
CA LEU A 36 -2.32 -8.08 -10.01
C LEU A 36 -1.29 -8.06 -11.15
N ASP A 37 -0.50 -9.12 -11.22
CA ASP A 37 0.53 -9.29 -12.24
C ASP A 37 1.63 -8.25 -12.16
N LYS A 38 1.91 -7.82 -10.94
CA LYS A 38 2.95 -6.82 -10.70
C LYS A 38 3.68 -7.28 -9.42
N PRO A 39 4.98 -7.02 -9.26
CA PRO A 39 5.63 -7.42 -8.01
C PRO A 39 5.19 -6.55 -6.83
N VAL A 40 4.98 -7.17 -5.68
CA VAL A 40 4.58 -6.36 -4.53
C VAL A 40 5.62 -6.39 -3.43
N ILE A 41 5.97 -5.19 -2.94
CA ILE A 41 6.94 -5.06 -1.85
C ILE A 41 6.20 -4.66 -0.56
N MET A 42 6.51 -5.38 0.53
CA MET A 42 5.86 -5.11 1.82
C MET A 42 6.81 -5.34 2.99
N GLY A 43 6.56 -4.68 4.11
CA GLY A 43 7.36 -4.87 5.31
C GLY A 43 6.97 -6.21 5.93
N ARG A 44 7.71 -6.67 6.93
CA ARG A 44 7.43 -7.97 7.51
C ARG A 44 6.14 -8.10 8.31
N HIS A 45 5.78 -7.03 9.03
N HIS A 45 5.78 -7.03 9.03
CA HIS A 45 4.55 -7.02 9.81
CA HIS A 45 4.55 -7.02 9.81
C HIS A 45 3.38 -7.14 8.87
C HIS A 45 3.38 -7.14 8.87
N THR A 46 3.49 -6.47 7.72
CA THR A 46 2.46 -6.52 6.73
C THR A 46 2.44 -7.95 6.15
N TRP A 47 3.59 -8.63 6.09
CA TRP A 47 3.65 -10.02 5.58
C TRP A 47 2.90 -10.95 6.53
N GLU A 48 3.13 -10.74 7.82
CA GLU A 48 2.49 -11.58 8.82
C GLU A 48 0.93 -11.34 8.94
N SER A 49 0.51 -10.10 8.55
CA SER A 49 -0.90 -9.64 8.53
C SER A 49 -1.75 -10.35 7.47
N ILE A 50 -1.01 -10.90 6.48
CA ILE A 50 -1.62 -11.57 5.33
C ILE A 50 -1.45 -13.09 5.46
N GLY A 51 -0.40 -13.64 6.05
CA GLY A 51 -0.22 -15.10 6.27
C GLY A 51 0.03 -16.02 5.07
N ARG A 52 -0.22 -15.48 3.89
CA ARG A 52 -0.06 -16.24 2.66
C ARG A 52 0.25 -15.29 1.53
N PRO A 53 0.96 -15.84 0.54
CA PRO A 53 1.35 -15.05 -0.64
C PRO A 53 0.15 -14.42 -1.35
N LEU A 54 0.29 -13.19 -1.76
CA LEU A 54 -0.78 -12.65 -2.57
C LEU A 54 -0.74 -13.37 -3.92
N PRO A 55 -1.86 -13.93 -4.41
CA PRO A 55 -1.92 -14.66 -5.68
C PRO A 55 -1.58 -13.77 -6.88
N GLY A 56 -0.94 -14.38 -7.92
CA GLY A 56 -0.67 -13.70 -9.20
C GLY A 56 0.26 -12.47 -9.17
N ARG A 57 1.11 -12.44 -8.15
CA ARG A 57 2.06 -11.35 -7.99
C ARG A 57 3.32 -11.87 -7.36
N LYS A 58 4.44 -11.30 -7.75
CA LYS A 58 5.67 -11.68 -7.09
C LYS A 58 5.74 -11.00 -5.68
N ASN A 59 5.82 -11.77 -4.56
CA ASN A 59 5.88 -11.23 -3.15
C ASN A 59 7.32 -11.08 -2.61
N ILE A 60 7.75 -9.85 -2.38
CA ILE A 60 9.06 -9.48 -1.86
C ILE A 60 8.83 -8.89 -0.46
N ILE A 61 9.49 -9.49 0.53
CA ILE A 61 9.35 -9.06 1.92
C ILE A 61 10.62 -8.38 2.37
N LEU A 62 10.48 -7.16 2.84
N LEU A 62 10.48 -7.16 2.84
CA LEU A 62 11.64 -6.42 3.37
CA LEU A 62 11.64 -6.42 3.37
C LEU A 62 11.81 -6.68 4.87
C LEU A 62 11.81 -6.68 4.87
N SER A 63 12.91 -7.28 5.25
CA SER A 63 13.19 -7.61 6.66
C SER A 63 14.69 -7.67 6.87
N SER A 64 15.18 -7.19 8.02
CA SER A 64 16.62 -7.22 8.31
C SER A 64 17.07 -8.59 8.82
N GLN A 65 16.11 -9.38 9.27
CA GLN A 65 16.40 -10.71 9.78
C GLN A 65 16.15 -11.77 8.69
N PRO A 66 16.81 -12.90 8.82
CA PRO A 66 16.66 -13.92 7.77
C PRO A 66 15.20 -14.29 7.53
N GLY A 67 14.96 -14.56 6.25
CA GLY A 67 13.67 -14.97 5.73
C GLY A 67 13.27 -16.28 6.37
N THR A 68 11.96 -16.47 6.52
CA THR A 68 11.36 -17.65 7.15
C THR A 68 10.26 -18.33 6.33
N ASP A 69 10.27 -18.22 5.02
CA ASP A 69 9.21 -18.84 4.22
C ASP A 69 9.71 -18.70 2.79
N ASP A 70 9.86 -19.83 2.09
CA ASP A 70 10.34 -19.75 0.71
C ASP A 70 9.25 -19.55 -0.34
N ARG A 71 8.01 -19.39 0.09
CA ARG A 71 6.91 -19.14 -0.84
C ARG A 71 7.05 -17.70 -1.34
N VAL A 72 7.90 -16.94 -0.65
CA VAL A 72 8.14 -15.54 -0.99
C VAL A 72 9.63 -15.17 -1.08
N THR A 73 9.91 -13.97 -1.56
CA THR A 73 11.27 -13.49 -1.71
C THR A 73 11.62 -12.50 -0.60
N TRP A 74 12.68 -12.81 0.17
CA TRP A 74 13.10 -11.94 1.28
C TRP A 74 14.29 -11.07 0.87
N VAL A 75 14.28 -9.82 1.32
CA VAL A 75 15.37 -8.88 1.02
C VAL A 75 15.64 -8.05 2.27
N LYS A 76 16.86 -7.54 2.38
CA LYS A 76 17.27 -6.76 3.55
C LYS A 76 17.51 -5.26 3.34
N SER A 77 17.10 -4.69 2.22
CA SER A 77 17.30 -3.27 1.99
C SER A 77 16.41 -2.79 0.86
N VAL A 78 16.15 -1.48 0.81
CA VAL A 78 15.31 -0.94 -0.24
C VAL A 78 15.91 -1.28 -1.60
N ASP A 79 17.22 -1.12 -1.73
CA ASP A 79 17.90 -1.43 -3.00
C ASP A 79 17.80 -2.90 -3.40
N GLU A 80 17.91 -3.81 -2.45
CA GLU A 80 17.78 -5.21 -2.80
C GLU A 80 16.35 -5.49 -3.25
N ALA A 81 15.38 -4.88 -2.56
CA ALA A 81 13.97 -5.06 -2.87
C ALA A 81 13.67 -4.61 -4.29
N ILE A 82 14.21 -3.46 -4.69
CA ILE A 82 13.97 -2.96 -6.04
C ILE A 82 14.64 -3.90 -7.06
N ALA A 83 15.89 -4.26 -6.80
CA ALA A 83 16.61 -5.14 -7.72
C ALA A 83 15.91 -6.49 -7.87
N ALA A 84 15.28 -6.96 -6.80
CA ALA A 84 14.59 -8.24 -6.82
C ALA A 84 13.39 -8.26 -7.76
N CYS A 85 12.89 -7.09 -8.14
CA CYS A 85 11.75 -7.00 -9.05
C CYS A 85 12.13 -7.12 -10.51
N GLY A 86 13.41 -6.89 -10.81
CA GLY A 86 13.89 -6.99 -12.17
C GLY A 86 13.33 -5.85 -13.05
N ASP A 87 13.35 -6.05 -14.36
CA ASP A 87 12.86 -5.07 -15.30
C ASP A 87 11.37 -5.28 -15.60
N VAL A 88 10.59 -4.54 -14.81
CA VAL A 88 9.14 -4.50 -14.90
C VAL A 88 8.72 -3.04 -15.04
N PRO A 89 7.60 -2.77 -15.74
CA PRO A 89 7.12 -1.39 -15.90
C PRO A 89 6.71 -0.72 -14.58
N GLU A 90 6.17 -1.50 -13.66
CA GLU A 90 5.72 -0.95 -12.35
C GLU A 90 5.85 -1.84 -11.13
N ILE A 91 6.37 -1.19 -10.09
CA ILE A 91 6.63 -1.78 -8.80
C ILE A 91 5.65 -1.27 -7.73
N MET A 92 4.84 -2.20 -7.16
CA MET A 92 3.85 -1.78 -6.20
C MET A 92 4.28 -1.97 -4.74
N VAL A 93 4.43 -0.86 -4.01
CA VAL A 93 4.78 -0.91 -2.61
C VAL A 93 3.47 -0.90 -1.84
N ILE A 94 3.20 -2.01 -1.13
CA ILE A 94 1.93 -2.13 -0.43
C ILE A 94 1.98 -1.98 1.14
N GLY A 95 3.06 -1.35 1.77
CA GLY A 95 3.12 -1.14 3.16
C GLY A 95 4.01 -1.96 3.97
N GLY A 96 4.05 -1.60 5.29
CA GLY A 96 3.10 -0.77 6.01
C GLY A 96 3.79 0.55 6.11
N GLY A 97 3.46 1.25 7.16
CA GLY A 97 3.99 2.58 7.45
C GLY A 97 5.52 2.90 7.31
N ARG A 98 6.32 2.10 7.96
CA ARG A 98 7.76 2.25 7.87
C ARG A 98 8.29 1.98 6.46
N VAL A 99 7.63 1.11 5.70
CA VAL A 99 8.08 0.84 4.34
C VAL A 99 7.66 1.97 3.40
N TYR A 100 6.46 2.52 3.63
CA TYR A 100 5.99 3.61 2.79
C TYR A 100 6.95 4.76 2.88
N GLU A 101 7.33 5.08 4.11
N GLU A 101 7.33 5.08 4.11
CA GLU A 101 8.24 6.18 4.38
CA GLU A 101 8.24 6.18 4.38
C GLU A 101 9.52 6.06 3.55
C GLU A 101 9.52 6.06 3.55
N GLN A 102 10.09 4.86 3.52
CA GLN A 102 11.31 4.62 2.78
C GLN A 102 11.16 4.67 1.27
N PHE A 103 10.06 4.17 0.75
CA PHE A 103 9.84 4.19 -0.69
C PHE A 103 9.24 5.47 -1.25
N LEU A 104 8.60 6.27 -0.41
CA LEU A 104 7.98 7.50 -0.89
C LEU A 104 8.89 8.37 -1.77
N PRO A 105 10.13 8.64 -1.33
CA PRO A 105 10.94 9.48 -2.23
C PRO A 105 11.36 8.96 -3.59
N LYS A 106 11.30 7.66 -3.78
CA LYS A 106 11.63 7.04 -5.06
C LYS A 106 10.36 6.90 -5.86
N ALA A 107 9.24 7.20 -5.20
CA ALA A 107 7.93 7.10 -5.82
C ALA A 107 7.63 8.11 -6.92
N GLN A 108 6.93 7.63 -7.95
CA GLN A 108 6.50 8.48 -9.05
C GLN A 108 4.97 8.48 -9.09
N LYS A 109 4.35 7.53 -8.38
CA LYS A 109 2.90 7.41 -8.37
C LYS A 109 2.32 6.96 -7.00
N LEU A 110 1.15 7.50 -6.65
CA LEU A 110 0.50 7.16 -5.39
C LEU A 110 -0.93 6.74 -5.71
N TYR A 111 -1.29 5.53 -5.30
CA TYR A 111 -2.67 5.02 -5.46
C TYR A 111 -3.26 5.13 -4.07
N LEU A 112 -4.13 6.11 -3.86
CA LEU A 112 -4.70 6.31 -2.53
C LEU A 112 -6.21 6.14 -2.44
N THR A 113 -6.63 5.41 -1.42
CA THR A 113 -8.02 5.18 -1.14
C THR A 113 -8.32 6.01 0.09
N HIS A 114 -8.97 7.15 -0.12
CA HIS A 114 -9.32 8.05 0.99
C HIS A 114 -10.64 7.59 1.59
N ILE A 115 -10.57 7.07 2.81
CA ILE A 115 -11.76 6.57 3.47
C ILE A 115 -12.32 7.55 4.51
N ASP A 116 -13.58 7.89 4.37
CA ASP A 116 -14.26 8.77 5.31
C ASP A 116 -14.66 7.98 6.53
N ALA A 117 -13.66 7.71 7.38
CA ALA A 117 -13.86 6.94 8.58
C ALA A 117 -12.91 7.41 9.68
N GLU A 118 -13.40 7.55 10.89
CA GLU A 118 -12.50 7.91 11.97
C GLU A 118 -12.14 6.66 12.72
N VAL A 119 -10.87 6.42 12.81
CA VAL A 119 -10.47 5.22 13.51
C VAL A 119 -9.13 5.43 14.17
N GLU A 120 -9.04 5.02 15.42
CA GLU A 120 -7.77 5.14 16.15
C GLU A 120 -6.79 4.24 15.45
N GLY A 121 -5.58 4.73 15.22
CA GLY A 121 -4.59 3.90 14.57
C GLY A 121 -3.25 4.05 15.25
N ASP A 122 -2.33 3.15 14.96
CA ASP A 122 -0.99 3.23 15.55
C ASP A 122 0.02 3.39 14.41
N THR A 123 -0.51 3.54 13.21
CA THR A 123 0.30 3.58 11.99
C THR A 123 -0.35 4.59 11.04
N HIS A 124 0.48 5.42 10.42
N HIS A 124 0.48 5.42 10.42
CA HIS A 124 0.02 6.45 9.50
CA HIS A 124 0.02 6.45 9.50
C HIS A 124 0.80 6.46 8.18
C HIS A 124 0.80 6.46 8.18
N PHE A 125 0.12 6.87 7.11
CA PHE A 125 0.74 7.01 5.82
C PHE A 125 1.65 8.22 5.94
N PRO A 126 2.78 8.21 5.22
CA PRO A 126 3.69 9.35 5.31
C PRO A 126 2.99 10.69 5.05
N ASP A 127 3.52 11.75 5.66
CA ASP A 127 2.99 13.11 5.49
C ASP A 127 3.63 13.75 4.26
N TYR A 128 3.19 13.37 3.03
CA TYR A 128 3.73 13.85 1.78
C TYR A 128 3.35 15.26 1.44
N GLU A 129 4.22 15.84 0.67
CA GLU A 129 4.05 17.19 0.19
C GLU A 129 3.00 17.27 -0.93
N PRO A 130 1.76 17.70 -0.64
CA PRO A 130 0.71 17.81 -1.64
C PRO A 130 1.17 18.56 -2.89
N ASP A 131 1.97 19.62 -2.77
CA ASP A 131 2.46 20.43 -3.88
C ASP A 131 3.24 19.61 -4.93
N ASP A 132 3.94 18.57 -4.49
CA ASP A 132 4.71 17.72 -5.39
C ASP A 132 3.91 16.74 -6.22
N TRP A 133 2.63 16.61 -5.92
CA TRP A 133 1.81 15.66 -6.65
C TRP A 133 0.68 16.26 -7.42
N GLU A 134 0.35 15.57 -8.48
N GLU A 134 0.35 15.57 -8.48
CA GLU A 134 -0.71 15.98 -9.34
CA GLU A 134 -0.71 15.98 -9.34
C GLU A 134 -1.80 14.92 -9.37
C GLU A 134 -1.80 14.92 -9.37
N SER A 135 -3.06 15.32 -9.13
CA SER A 135 -4.13 14.34 -9.15
C SER A 135 -4.50 14.05 -10.59
N VAL A 136 -4.29 12.81 -11.00
CA VAL A 136 -4.59 12.44 -12.38
C VAL A 136 -5.85 11.54 -12.48
N PHE A 137 -6.33 11.05 -11.33
CA PHE A 137 -7.52 10.19 -11.30
C PHE A 137 -8.24 10.38 -9.98
N SER A 138 -9.53 10.65 -10.03
CA SER A 138 -10.28 10.79 -8.79
C SER A 138 -11.69 10.28 -9.00
N GLU A 139 -12.03 9.33 -8.18
CA GLU A 139 -13.32 8.72 -8.26
C GLU A 139 -13.92 8.50 -6.87
N PHE A 140 -14.96 9.29 -6.57
CA PHE A 140 -15.67 9.26 -5.28
C PHE A 140 -16.87 8.30 -5.30
N HIS A 141 -17.11 7.65 -4.16
CA HIS A 141 -18.20 6.71 -4.00
C HIS A 141 -18.88 6.89 -2.67
N ASP A 142 -20.21 6.92 -2.67
CA ASP A 142 -20.99 7.01 -1.45
C ASP A 142 -21.07 5.62 -0.87
N ALA A 143 -21.34 5.54 0.43
CA ALA A 143 -21.46 4.28 1.15
C ALA A 143 -22.60 3.47 0.65
N ASP A 144 -22.49 2.17 0.75
CA ASP A 144 -23.55 1.36 0.20
C ASP A 144 -23.74 0.09 1.09
N ALA A 145 -24.54 -0.92 0.72
CA ALA A 145 -24.76 -2.08 1.60
C ALA A 145 -23.54 -2.95 1.85
N GLN A 146 -22.58 -2.85 0.97
CA GLN A 146 -21.35 -3.63 1.13
C GLN A 146 -20.23 -2.79 1.74
N ASN A 147 -20.25 -1.52 1.42
CA ASN A 147 -19.23 -0.63 1.89
C ASN A 147 -19.81 0.42 2.82
N SER A 148 -19.49 0.29 4.12
N SER A 148 -19.49 0.29 4.12
CA SER A 148 -20.03 1.14 5.16
CA SER A 148 -20.03 1.14 5.16
C SER A 148 -19.52 2.57 5.23
C SER A 148 -19.52 2.57 5.23
N HIS A 149 -18.61 2.96 4.33
CA HIS A 149 -18.09 4.32 4.36
C HIS A 149 -18.00 4.92 2.96
N SER A 150 -18.15 6.23 2.84
CA SER A 150 -17.97 6.82 1.55
C SER A 150 -16.47 6.82 1.35
N TYR A 151 -15.99 6.67 0.12
CA TYR A 151 -14.56 6.66 -0.09
C TYR A 151 -14.22 7.18 -1.44
N CYS A 152 -12.93 7.50 -1.65
CA CYS A 152 -12.51 8.03 -2.94
C CYS A 152 -11.18 7.46 -3.37
N PHE A 153 -11.15 7.05 -4.62
CA PHE A 153 -9.94 6.50 -5.17
C PHE A 153 -9.20 7.60 -5.88
N GLU A 154 -7.93 7.70 -5.60
CA GLU A 154 -7.18 8.73 -6.24
C GLU A 154 -5.82 8.23 -6.66
N ILE A 155 -5.34 8.73 -7.80
CA ILE A 155 -4.05 8.39 -8.33
C ILE A 155 -3.29 9.71 -8.51
N LEU A 156 -2.15 9.85 -7.85
CA LEU A 156 -1.35 11.06 -7.95
C LEU A 156 -0.03 10.72 -8.63
N GLU A 157 0.44 11.60 -9.52
CA GLU A 157 1.71 11.42 -10.21
C GLU A 157 2.64 12.56 -9.78
N ARG A 158 3.90 12.25 -9.50
CA ARG A 158 4.84 13.26 -9.04
C ARG A 158 5.12 14.28 -10.14
N ARG A 159 4.87 15.55 -9.83
CA ARG A 159 5.08 16.62 -10.77
C ARG A 159 6.55 16.72 -11.17
#